data_5POW
#
_entry.id   5POW
#
_cell.length_a   55.519
_cell.length_b   56.532
_cell.length_c   101.730
_cell.angle_alpha   90.000
_cell.angle_beta   90.000
_cell.angle_gamma   90.000
#
_symmetry.space_group_name_H-M   'P 21 21 21'
#
loop_
_entity.id
_entity.type
_entity.pdbx_description
1 polymer 'Bromodomain-containing protein 1'
2 non-polymer 1,2-ETHANEDIOL
3 non-polymer N-[(pyridin-2-yl)methyl]acetamide
4 non-polymer 'SODIUM ION'
5 water water
#
_entity_poly.entity_id   1
_entity_poly.type   'polypeptide(L)'
_entity_poly.pdbx_seq_one_letter_code
;MHHHHHHSSGVDLGTENLYFQSMEQVAMELRLTELTRLLRSVLDQLQDKDPARIFAQPVSLKEVPDYLDHIKHPMDFATM
RKRLEAQGYKNLHEFEEDFDLIIDNCMKYNARDTVFYRAAVRLRDQGGVVLRQARREVDSIGLEEASGMHLPERPA
;
_entity_poly.pdbx_strand_id   A,B
#
# COMPACT_ATOMS: atom_id res chain seq x y z
N SER A 22 24.71 -23.17 15.31
CA SER A 22 25.34 -23.73 14.12
C SER A 22 26.16 -22.67 13.41
N MET A 23 27.06 -23.10 12.53
CA MET A 23 27.86 -22.17 11.75
CA MET A 23 27.86 -22.17 11.76
C MET A 23 26.99 -21.44 10.75
N GLU A 24 26.01 -22.13 10.19
CA GLU A 24 25.11 -21.52 9.21
C GLU A 24 24.37 -20.33 9.83
N GLN A 25 23.83 -20.52 11.03
CA GLN A 25 23.10 -19.45 11.71
C GLN A 25 23.98 -18.22 11.92
N VAL A 26 25.22 -18.44 12.33
CA VAL A 26 26.18 -17.35 12.48
C VAL A 26 26.42 -16.59 11.19
N ALA A 27 26.65 -17.32 10.10
CA ALA A 27 26.84 -16.73 8.78
C ALA A 27 25.63 -15.89 8.39
N MET A 28 24.44 -16.43 8.67
CA MET A 28 23.19 -15.72 8.42
C MET A 28 23.13 -14.41 9.19
N GLU A 29 23.47 -14.47 10.47
CA GLU A 29 23.42 -13.30 11.34
C GLU A 29 24.46 -12.28 10.91
N LEU A 30 25.55 -12.76 10.34
CA LEU A 30 26.59 -11.87 9.83
C LEU A 30 26.05 -11.07 8.64
N ARG A 31 25.34 -11.75 7.74
CA ARG A 31 24.73 -11.09 6.58
C ARG A 31 23.69 -10.07 7.03
N LEU A 32 22.85 -10.47 7.97
CA LEU A 32 21.86 -9.56 8.55
C LEU A 32 22.53 -8.32 9.14
N THR A 33 23.64 -8.52 9.83
CA THR A 33 24.37 -7.42 10.44
C THR A 33 24.91 -6.51 9.35
N GLU A 34 25.36 -7.13 8.27
CA GLU A 34 25.86 -6.39 7.12
C GLU A 34 24.72 -5.60 6.47
N LEU A 35 23.57 -6.25 6.32
CA LEU A 35 22.41 -5.59 5.72
C LEU A 35 22.02 -4.38 6.55
N THR A 36 22.03 -4.56 7.87
CA THR A 36 21.69 -3.50 8.80
C THR A 36 22.67 -2.34 8.66
N ARG A 37 23.95 -2.65 8.46
CA ARG A 37 24.96 -1.62 8.24
C ARG A 37 24.64 -0.82 6.98
N LEU A 38 24.32 -1.53 5.90
CA LEU A 38 23.97 -0.87 4.64
C LEU A 38 22.69 -0.04 4.81
N LEU A 39 21.69 -0.63 5.45
CA LEU A 39 20.41 0.05 5.62
C LEU A 39 20.51 1.26 6.55
N ARG A 40 21.43 1.21 7.51
CA ARG A 40 21.66 2.37 8.36
C ARG A 40 22.19 3.53 7.55
N SER A 41 23.07 3.23 6.59
CA SER A 41 23.58 4.25 5.68
C SER A 41 22.47 4.83 4.80
N VAL A 42 21.68 3.94 4.19
CA VAL A 42 20.53 4.35 3.40
C VAL A 42 19.59 5.25 4.21
N LEU A 43 19.31 4.86 5.45
CA LEU A 43 18.38 5.60 6.29
C LEU A 43 18.92 7.00 6.58
N ASP A 44 20.22 7.10 6.85
CA ASP A 44 20.80 8.41 7.11
C ASP A 44 20.68 9.29 5.87
N GLN A 45 20.94 8.72 4.70
CA GLN A 45 20.85 9.45 3.45
C GLN A 45 19.43 9.90 3.15
N LEU A 46 18.46 9.06 3.45
CA LEU A 46 17.06 9.42 3.20
C LEU A 46 16.62 10.51 4.16
N GLN A 47 17.03 10.41 5.42
CA GLN A 47 16.61 11.39 6.40
C GLN A 47 17.25 12.77 6.13
N ASP A 48 18.38 12.78 5.45
CA ASP A 48 19.00 14.05 5.05
C ASP A 48 18.14 14.79 4.02
N LYS A 49 17.27 14.06 3.33
CA LYS A 49 16.40 14.69 2.34
C LYS A 49 15.14 15.24 3.00
N ASP A 50 15.13 15.24 4.33
CA ASP A 50 14.05 15.81 5.14
C ASP A 50 14.63 16.86 6.11
N PRO A 51 15.14 17.97 5.55
CA PRO A 51 15.83 18.95 6.39
C PRO A 51 14.89 19.59 7.41
N ALA A 52 13.61 19.69 7.06
CA ALA A 52 12.63 20.28 7.96
C ALA A 52 12.27 19.36 9.15
N ARG A 53 12.72 18.10 9.08
CA ARG A 53 12.42 17.06 10.09
C ARG A 53 10.92 16.85 10.26
N ILE A 54 10.18 17.00 9.16
CA ILE A 54 8.75 16.75 9.16
C ILE A 54 8.43 15.28 9.45
N PHE A 55 9.34 14.38 9.06
CA PHE A 55 9.10 12.94 9.19
C PHE A 55 9.97 12.27 10.26
N ALA A 56 10.61 13.08 11.10
CA ALA A 56 11.56 12.58 12.08
C ALA A 56 10.91 11.76 13.18
N GLN A 57 9.70 12.15 13.58
CA GLN A 57 9.05 11.54 14.73
C GLN A 57 7.63 11.12 14.39
N PRO A 58 7.05 10.18 15.16
CA PRO A 58 5.66 9.86 14.87
C PRO A 58 4.78 11.09 15.01
N VAL A 59 3.76 11.16 14.16
CA VAL A 59 2.75 12.19 14.31
C VAL A 59 2.19 12.08 15.73
N SER A 60 2.21 13.20 16.46
CA SER A 60 1.71 13.23 17.84
C SER A 60 0.20 13.00 17.93
N LEU A 61 -0.20 11.93 18.61
CA LEU A 61 -1.62 11.63 18.73
C LEU A 61 -2.27 12.56 19.73
N LYS A 62 -1.44 13.28 20.50
CA LYS A 62 -1.97 14.32 21.38
C LYS A 62 -2.32 15.57 20.58
N GLU A 63 -1.45 15.94 19.64
CA GLU A 63 -1.66 17.15 18.85
C GLU A 63 -2.55 16.91 17.62
N VAL A 64 -2.62 15.65 17.17
CA VAL A 64 -3.52 15.27 16.08
C VAL A 64 -4.35 14.07 16.53
N PRO A 65 -5.35 14.31 17.40
CA PRO A 65 -6.07 13.20 18.04
C PRO A 65 -6.84 12.31 17.06
N ASP A 66 -7.21 12.80 15.88
CA ASP A 66 -7.98 11.98 14.95
C ASP A 66 -7.11 11.21 13.95
N TYR A 67 -5.78 11.29 14.10
CA TYR A 67 -4.87 10.75 13.08
C TYR A 67 -5.13 9.28 12.76
N LEU A 68 -5.35 8.46 13.78
CA LEU A 68 -5.51 7.02 13.54
C LEU A 68 -6.86 6.67 12.89
N ASP A 69 -7.80 7.62 12.86
CA ASP A 69 -9.04 7.44 12.10
C ASP A 69 -8.76 7.51 10.60
N HIS A 70 -7.65 8.16 10.25
CA HIS A 70 -7.29 8.38 8.84
C HIS A 70 -6.23 7.42 8.34
N ILE A 71 -5.21 7.24 9.17
CA ILE A 71 -4.02 6.49 8.81
C ILE A 71 -3.91 5.23 9.67
N LYS A 72 -3.95 4.07 9.03
CA LYS A 72 -4.03 2.83 9.79
C LYS A 72 -2.67 2.28 10.17
N HIS A 73 -1.63 2.66 9.45
CA HIS A 73 -0.29 2.21 9.77
C HIS A 73 0.70 3.38 9.75
N PRO A 74 0.76 4.14 10.85
CA PRO A 74 1.68 5.27 10.98
C PRO A 74 3.14 4.84 10.88
N MET A 75 3.97 5.73 10.35
CA MET A 75 5.40 5.45 10.28
C MET A 75 6.18 6.76 10.28
N ASP A 76 7.44 6.68 10.70
CA ASP A 76 8.32 7.84 10.77
C ASP A 76 9.76 7.35 10.88
N PHE A 77 10.74 8.23 10.72
CA PHE A 77 12.15 7.82 10.70
C PHE A 77 12.64 7.26 12.06
N ALA A 78 12.12 7.81 13.16
CA ALA A 78 12.54 7.34 14.48
C ALA A 78 12.10 5.89 14.70
N THR A 79 10.87 5.61 14.31
CA THR A 79 10.35 4.27 14.43
C THR A 79 11.10 3.29 13.53
N MET A 80 11.45 3.72 12.31
CA MET A 80 12.27 2.89 11.42
C MET A 80 13.62 2.59 12.05
N ARG A 81 14.21 3.60 12.67
CA ARG A 81 15.53 3.47 13.24
C ARG A 81 15.54 2.46 14.41
N LYS A 82 14.49 2.50 15.23
CA LYS A 82 14.31 1.52 16.29
C LYS A 82 14.25 0.08 15.75
N ARG A 83 13.43 -0.12 14.72
CA ARG A 83 13.36 -1.44 14.09
C ARG A 83 14.72 -1.83 13.50
N LEU A 84 15.35 -0.88 12.82
CA LEU A 84 16.65 -1.11 12.20
C LEU A 84 17.70 -1.60 13.18
N GLU A 85 17.80 -0.93 14.32
CA GLU A 85 18.85 -1.25 15.28
C GLU A 85 18.54 -2.51 16.06
N ALA A 86 17.29 -2.97 16.03
CA ALA A 86 16.97 -4.27 16.56
C ALA A 86 17.15 -5.35 15.49
N GLN A 87 17.84 -4.97 14.41
CA GLN A 87 17.98 -5.80 13.21
C GLN A 87 16.64 -6.37 12.74
N GLY A 88 15.63 -5.52 12.67
CA GLY A 88 14.27 -5.95 12.36
C GLY A 88 13.88 -5.93 10.90
N TYR A 89 14.79 -5.49 10.01
CA TYR A 89 14.55 -5.56 8.57
C TYR A 89 15.33 -6.73 7.95
N LYS A 90 14.61 -7.73 7.47
CA LYS A 90 15.23 -8.94 6.91
C LYS A 90 15.76 -8.76 5.49
N ASN A 91 15.20 -7.77 4.78
CA ASN A 91 15.56 -7.50 3.38
C ASN A 91 15.24 -6.05 3.06
N LEU A 92 15.71 -5.56 1.90
CA LEU A 92 15.46 -4.18 1.51
C LEU A 92 13.97 -3.90 1.27
N HIS A 93 13.25 -4.90 0.77
CA HIS A 93 11.82 -4.70 0.51
C HIS A 93 11.08 -4.26 1.78
N GLU A 94 11.36 -4.92 2.91
CA GLU A 94 10.70 -4.57 4.16
C GLU A 94 11.00 -3.14 4.59
N PHE A 95 12.24 -2.70 4.38
CA PHE A 95 12.67 -1.34 4.69
C PHE A 95 11.97 -0.34 3.77
N GLU A 96 11.95 -0.65 2.48
CA GLU A 96 11.27 0.21 1.51
C GLU A 96 9.77 0.37 1.80
N GLU A 97 9.13 -0.72 2.27
N GLU A 97 9.11 -0.68 2.30
CA GLU A 97 7.72 -0.67 2.65
CA GLU A 97 7.68 -0.57 2.56
C GLU A 97 7.49 0.44 3.67
C GLU A 97 7.39 0.32 3.77
N ASP A 98 8.36 0.48 4.67
CA ASP A 98 8.22 1.44 5.77
C ASP A 98 8.49 2.85 5.27
N PHE A 99 9.51 3.02 4.43
CA PHE A 99 9.78 4.34 3.84
C PHE A 99 8.58 4.82 3.04
N ASP A 100 7.98 3.92 2.26
CA ASP A 100 6.84 4.29 1.44
C ASP A 100 5.63 4.67 2.31
N LEU A 101 5.50 4.04 3.48
CA LEU A 101 4.42 4.40 4.40
C LEU A 101 4.55 5.84 4.88
N ILE A 102 5.77 6.27 5.17
CA ILE A 102 5.98 7.64 5.61
C ILE A 102 5.43 8.61 4.56
N ILE A 103 5.83 8.37 3.31
CA ILE A 103 5.42 9.21 2.18
CA ILE A 103 5.42 9.24 2.20
C ILE A 103 3.92 9.12 1.91
N ASP A 104 3.43 7.90 1.78
CA ASP A 104 2.04 7.72 1.37
C ASP A 104 1.04 8.19 2.43
N ASN A 105 1.34 7.95 3.70
CA ASN A 105 0.50 8.44 4.79
C ASN A 105 0.36 9.95 4.71
N CYS A 106 1.50 10.60 4.51
CA CYS A 106 1.53 12.06 4.48
C CYS A 106 0.73 12.64 3.32
N MET A 107 0.84 12.00 2.16
CA MET A 107 0.16 12.50 0.98
C MET A 107 -1.34 12.23 1.03
N LYS A 108 -1.78 11.38 1.94
CA LYS A 108 -3.22 11.20 2.10
CA LYS A 108 -3.22 11.16 2.15
C LYS A 108 -3.76 12.16 3.16
N TYR A 109 -3.09 12.23 4.30
CA TYR A 109 -3.60 13.03 5.42
C TYR A 109 -3.59 14.51 5.09
N ASN A 110 -2.53 14.94 4.40
CA ASN A 110 -2.35 16.35 4.09
C ASN A 110 -2.72 16.70 2.65
N ALA A 111 -3.33 17.87 2.46
CA ALA A 111 -3.70 18.32 1.13
C ALA A 111 -2.50 18.71 0.27
N ARG A 112 -2.72 18.69 -1.03
CA ARG A 112 -1.71 19.00 -2.03
C ARG A 112 -0.99 20.34 -1.84
N ASP A 113 -1.68 21.33 -1.27
CA ASP A 113 -1.14 22.67 -1.11
C ASP A 113 -0.54 22.93 0.27
N THR A 114 0.03 21.90 0.88
CA THR A 114 0.56 22.05 2.24
C THR A 114 2.05 21.80 2.21
N VAL A 115 2.75 22.38 3.17
CA VAL A 115 4.19 22.17 3.27
C VAL A 115 4.49 20.67 3.55
N PHE A 116 3.55 20.01 4.24
CA PHE A 116 3.73 18.59 4.55
C PHE A 116 3.69 17.71 3.31
N TYR A 117 2.66 17.90 2.48
CA TYR A 117 2.53 17.10 1.27
C TYR A 117 3.71 17.35 0.36
N ARG A 118 4.11 18.61 0.25
CA ARG A 118 5.20 18.95 -0.66
C ARG A 118 6.53 18.36 -0.17
N ALA A 119 6.70 18.30 1.14
CA ALA A 119 7.92 17.68 1.69
C ALA A 119 7.97 16.17 1.38
N ALA A 120 6.81 15.51 1.41
CA ALA A 120 6.75 14.09 1.07
C ALA A 120 7.11 13.86 -0.40
N VAL A 121 6.60 14.70 -1.28
CA VAL A 121 6.91 14.58 -2.71
C VAL A 121 8.42 14.70 -2.92
N ARG A 122 9.01 15.70 -2.30
CA ARG A 122 10.45 15.95 -2.44
C ARG A 122 11.28 14.79 -1.86
N LEU A 123 10.87 14.27 -0.71
CA LEU A 123 11.53 13.11 -0.12
C LEU A 123 11.45 11.88 -1.02
N ARG A 124 10.25 11.64 -1.57
CA ARG A 124 10.05 10.55 -2.51
CA ARG A 124 10.08 10.52 -2.49
C ARG A 124 10.96 10.68 -3.73
N ASP A 125 10.96 11.87 -4.33
CA ASP A 125 11.76 12.10 -5.53
C ASP A 125 13.24 11.91 -5.25
N GLN A 126 13.75 12.61 -4.25
CA GLN A 126 15.17 12.59 -3.94
CA GLN A 126 15.18 12.59 -3.97
C GLN A 126 15.61 11.24 -3.39
N GLY A 127 14.70 10.53 -2.75
CA GLY A 127 15.03 9.26 -2.15
C GLY A 127 15.13 8.14 -3.15
N GLY A 128 14.52 8.35 -4.32
CA GLY A 128 14.54 7.33 -5.37
C GLY A 128 15.95 6.99 -5.82
N VAL A 129 16.77 8.03 -5.93
CA VAL A 129 18.17 7.89 -6.35
C VAL A 129 18.92 6.97 -5.40
N VAL A 130 18.73 7.22 -4.12
CA VAL A 130 19.38 6.48 -3.04
C VAL A 130 18.95 5.01 -3.05
N LEU A 131 17.64 4.80 -3.12
CA LEU A 131 17.10 3.44 -3.09
C LEU A 131 17.44 2.64 -4.33
N ARG A 132 17.56 3.34 -5.47
CA ARG A 132 17.94 2.68 -6.72
C ARG A 132 19.33 2.05 -6.61
N GLN A 133 20.27 2.77 -6.01
CA GLN A 133 21.62 2.24 -5.85
C GLN A 133 21.69 1.23 -4.70
N ALA A 134 20.87 1.43 -3.68
CA ALA A 134 20.82 0.50 -2.56
C ALA A 134 20.41 -0.89 -3.04
N ARG A 135 19.41 -0.95 -3.93
CA ARG A 135 18.97 -2.22 -4.50
C ARG A 135 20.09 -2.90 -5.26
N ARG A 136 20.86 -2.14 -6.03
CA ARG A 136 21.96 -2.70 -6.77
C ARG A 136 23.02 -3.27 -5.82
N GLU A 137 23.25 -2.59 -4.70
CA GLU A 137 24.28 -2.98 -3.74
C GLU A 137 23.89 -4.23 -2.95
N VAL A 138 22.62 -4.32 -2.56
CA VAL A 138 22.13 -5.47 -1.82
C VAL A 138 22.20 -6.72 -2.69
N ASP A 139 21.78 -6.58 -3.95
CA ASP A 139 21.90 -7.64 -4.94
C ASP A 139 23.35 -8.06 -5.16
N SER A 140 24.20 -7.09 -5.52
CA SER A 140 25.58 -7.37 -5.86
C SER A 140 26.33 -8.04 -4.72
N ILE A 141 26.32 -7.41 -3.54
CA ILE A 141 26.98 -8.00 -2.36
C ILE A 141 26.25 -9.26 -1.89
N GLY A 142 25.03 -9.46 -2.40
CA GLY A 142 24.24 -10.62 -2.06
C GLY A 142 23.43 -10.42 -0.79
N SER B 22 -6.36 -35.40 -15.89
CA SER B 22 -5.76 -35.80 -14.63
C SER B 22 -6.47 -35.17 -13.45
N MET B 23 -6.41 -35.82 -12.29
N MET B 23 -6.41 -35.84 -12.30
CA MET B 23 -7.06 -35.26 -11.12
CA MET B 23 -7.02 -35.31 -11.07
C MET B 23 -6.39 -33.97 -10.66
C MET B 23 -6.39 -33.99 -10.68
N GLU B 24 -5.11 -33.81 -11.01
CA GLU B 24 -4.40 -32.58 -10.71
C GLU B 24 -4.96 -31.41 -11.53
N GLN B 25 -5.26 -31.64 -12.80
CA GLN B 25 -5.90 -30.62 -13.63
C GLN B 25 -7.29 -30.27 -13.14
N VAL B 26 -8.05 -31.28 -12.73
CA VAL B 26 -9.39 -31.07 -12.22
C VAL B 26 -9.33 -30.20 -10.98
N ALA B 27 -8.41 -30.50 -10.06
CA ALA B 27 -8.29 -29.73 -8.84
C ALA B 27 -7.91 -28.26 -9.13
N MET B 28 -6.98 -28.07 -10.06
CA MET B 28 -6.58 -26.70 -10.39
C MET B 28 -7.72 -25.89 -11.01
N GLU B 29 -8.48 -26.51 -11.90
CA GLU B 29 -9.61 -25.82 -12.53
C GLU B 29 -10.67 -25.52 -11.47
N LEU B 30 -10.87 -26.42 -10.52
CA LEU B 30 -11.84 -26.15 -9.46
C LEU B 30 -11.41 -24.97 -8.61
N ARG B 31 -10.13 -24.90 -8.28
CA ARG B 31 -9.64 -23.80 -7.44
C ARG B 31 -9.76 -22.47 -8.19
N LEU B 32 -9.53 -22.53 -9.50
CA LEU B 32 -9.73 -21.37 -10.38
C LEU B 32 -11.16 -20.89 -10.37
N THR B 33 -12.11 -21.79 -10.58
CA THR B 33 -13.50 -21.36 -10.70
C THR B 33 -14.10 -20.93 -9.34
N GLU B 34 -13.67 -21.57 -8.26
CA GLU B 34 -14.12 -21.19 -6.93
C GLU B 34 -13.56 -19.84 -6.49
N LEU B 35 -12.32 -19.58 -6.87
CA LEU B 35 -11.73 -18.26 -6.61
C LEU B 35 -12.53 -17.19 -7.32
N THR B 36 -12.86 -17.45 -8.58
CA THR B 36 -13.59 -16.47 -9.37
C THR B 36 -14.98 -16.21 -8.77
N ARG B 37 -15.64 -17.28 -8.34
CA ARG B 37 -16.95 -17.17 -7.69
CA ARG B 37 -16.95 -17.15 -7.71
C ARG B 37 -16.87 -16.24 -6.47
N LEU B 38 -15.86 -16.48 -5.65
CA LEU B 38 -15.66 -15.70 -4.43
C LEU B 38 -15.37 -14.24 -4.78
N LEU B 39 -14.46 -13.99 -5.71
CA LEU B 39 -14.10 -12.61 -6.03
C LEU B 39 -15.29 -11.87 -6.68
N ARG B 40 -16.09 -12.58 -7.47
CA ARG B 40 -17.26 -11.96 -8.09
C ARG B 40 -18.20 -11.47 -6.99
N SER B 41 -18.41 -12.30 -5.97
CA SER B 41 -19.30 -11.95 -4.88
C SER B 41 -18.73 -10.79 -4.05
N VAL B 42 -17.41 -10.82 -3.83
CA VAL B 42 -16.76 -9.74 -3.09
C VAL B 42 -16.89 -8.42 -3.82
N LEU B 43 -16.64 -8.45 -5.13
CA LEU B 43 -16.72 -7.22 -5.91
C LEU B 43 -18.15 -6.68 -5.92
N ASP B 44 -19.15 -7.55 -6.02
N ASP B 44 -19.12 -7.58 -6.02
CA ASP B 44 -20.53 -7.11 -6.00
CA ASP B 44 -20.53 -7.23 -5.97
C ASP B 44 -20.87 -6.48 -4.64
C ASP B 44 -20.87 -6.52 -4.66
N GLN B 45 -20.38 -7.08 -3.56
CA GLN B 45 -20.60 -6.53 -2.22
C GLN B 45 -19.94 -5.16 -2.07
N LEU B 46 -18.76 -5.00 -2.63
CA LEU B 46 -18.06 -3.72 -2.53
C LEU B 46 -18.81 -2.66 -3.34
N GLN B 47 -19.16 -2.99 -4.57
CA GLN B 47 -19.84 -2.00 -5.41
C GLN B 47 -21.21 -1.62 -4.92
N ASP B 48 -21.92 -2.56 -4.29
CA ASP B 48 -23.23 -2.27 -3.75
CA ASP B 48 -23.23 -2.29 -3.73
C ASP B 48 -23.17 -1.20 -2.66
N LYS B 49 -21.98 -0.99 -2.10
CA LYS B 49 -21.81 0.02 -1.05
C LYS B 49 -21.48 1.40 -1.63
N ASP B 50 -21.45 1.49 -2.95
CA ASP B 50 -21.15 2.75 -3.65
C ASP B 50 -22.32 3.14 -4.57
N PRO B 51 -23.52 3.36 -4.01
CA PRO B 51 -24.64 3.70 -4.89
C PRO B 51 -24.46 5.02 -5.62
N ALA B 52 -23.60 5.91 -5.12
CA ALA B 52 -23.38 7.19 -5.79
C ALA B 52 -22.46 7.02 -6.99
N ARG B 53 -21.92 5.81 -7.17
CA ARG B 53 -21.07 5.46 -8.31
CA ARG B 53 -21.07 5.48 -8.32
C ARG B 53 -19.80 6.32 -8.36
N ILE B 54 -19.30 6.73 -7.20
CA ILE B 54 -18.07 7.51 -7.13
C ILE B 54 -16.87 6.72 -7.67
N PHE B 55 -16.87 5.42 -7.40
CA PHE B 55 -15.73 4.56 -7.73
C PHE B 55 -16.06 3.60 -8.87
N ALA B 56 -17.17 3.83 -9.55
CA ALA B 56 -17.66 2.84 -10.54
C ALA B 56 -16.85 2.79 -11.82
N GLN B 57 -16.34 3.95 -12.26
CA GLN B 57 -15.69 4.10 -13.56
C GLN B 57 -14.39 4.89 -13.39
N PRO B 58 -13.49 4.79 -14.38
CA PRO B 58 -12.26 5.60 -14.30
C PRO B 58 -12.61 7.07 -14.14
N VAL B 59 -11.80 7.79 -13.39
CA VAL B 59 -11.96 9.22 -13.27
C VAL B 59 -11.79 9.85 -14.65
N SER B 60 -12.69 10.75 -15.02
CA SER B 60 -12.64 11.40 -16.33
C SER B 60 -11.62 12.53 -16.39
N LEU B 61 -10.70 12.46 -17.36
CA LEU B 61 -9.75 13.55 -17.58
C LEU B 61 -10.44 14.80 -18.10
N LYS B 62 -11.60 14.64 -18.73
CA LYS B 62 -12.39 15.78 -19.17
C LYS B 62 -12.96 16.51 -17.95
N GLU B 63 -13.43 15.76 -16.96
CA GLU B 63 -13.95 16.36 -15.75
C GLU B 63 -12.83 16.80 -14.79
N VAL B 64 -11.74 16.03 -14.77
CA VAL B 64 -10.64 16.28 -13.84
C VAL B 64 -9.29 16.28 -14.57
N PRO B 65 -8.96 17.39 -15.24
CA PRO B 65 -7.80 17.46 -16.13
C PRO B 65 -6.44 17.19 -15.46
N ASP B 66 -6.30 17.47 -14.17
CA ASP B 66 -4.98 17.28 -13.53
C ASP B 66 -4.86 15.96 -12.78
N TYR B 67 -5.80 15.04 -12.97
CA TYR B 67 -5.81 13.81 -12.16
C TYR B 67 -4.51 13.00 -12.28
N LEU B 68 -4.05 12.79 -13.51
CA LEU B 68 -2.88 11.96 -13.71
C LEU B 68 -1.56 12.68 -13.39
N ASP B 69 -1.61 13.98 -13.16
CA ASP B 69 -0.45 14.70 -12.62
C ASP B 69 -0.07 14.10 -11.27
N HIS B 70 -1.08 13.63 -10.54
CA HIS B 70 -0.90 13.22 -9.15
C HIS B 70 -1.09 11.72 -8.93
N ILE B 71 -1.99 11.13 -9.68
CA ILE B 71 -2.29 9.69 -9.52
C ILE B 71 -1.63 8.88 -10.63
N LYS B 72 -0.66 8.04 -10.27
CA LYS B 72 0.11 7.32 -11.27
C LYS B 72 -0.50 5.98 -11.71
N HIS B 73 -1.30 5.38 -10.85
CA HIS B 73 -1.98 4.13 -11.20
C HIS B 73 -3.47 4.19 -10.87
N PRO B 74 -4.27 4.77 -11.77
CA PRO B 74 -5.73 4.87 -11.58
C PRO B 74 -6.37 3.50 -11.46
N MET B 75 -7.46 3.40 -10.70
CA MET B 75 -8.21 2.16 -10.57
C MET B 75 -9.67 2.50 -10.22
N ASP B 76 -10.58 1.58 -10.54
CA ASP B 76 -12.01 1.77 -10.39
C ASP B 76 -12.65 0.40 -10.48
N PHE B 77 -13.93 0.30 -10.11
CA PHE B 77 -14.59 -1.00 -10.02
C PHE B 77 -14.79 -1.67 -11.39
N ALA B 78 -15.06 -0.87 -12.42
CA ALA B 78 -15.27 -1.42 -13.76
C ALA B 78 -14.00 -2.09 -14.27
N THR B 79 -12.88 -1.42 -14.02
CA THR B 79 -11.57 -1.94 -14.41
C THR B 79 -11.25 -3.23 -13.64
N MET B 80 -11.63 -3.29 -12.38
CA MET B 80 -11.47 -4.53 -11.60
C MET B 80 -12.35 -5.64 -12.15
N ARG B 81 -13.57 -5.31 -12.52
CA ARG B 81 -14.47 -6.34 -13.04
C ARG B 81 -13.92 -6.92 -14.34
N LYS B 82 -13.32 -6.07 -15.14
CA LYS B 82 -12.73 -6.51 -16.40
C LYS B 82 -11.59 -7.49 -16.17
N ARG B 83 -10.71 -7.15 -15.24
CA ARG B 83 -9.59 -8.02 -14.87
C ARG B 83 -10.10 -9.33 -14.30
N LEU B 84 -11.10 -9.25 -13.42
CA LEU B 84 -11.67 -10.45 -12.80
C LEU B 84 -12.25 -11.40 -13.84
N GLU B 85 -13.10 -10.90 -14.73
CA GLU B 85 -13.77 -11.78 -15.68
C GLU B 85 -12.83 -12.31 -16.77
N ALA B 86 -11.69 -11.65 -16.96
CA ALA B 86 -10.67 -12.08 -17.90
C ALA B 86 -9.67 -13.05 -17.25
N GLN B 87 -10.04 -13.53 -16.08
CA GLN B 87 -9.17 -14.27 -15.16
C GLN B 87 -7.83 -13.62 -14.90
N GLY B 88 -7.82 -12.32 -14.70
CA GLY B 88 -6.55 -11.65 -14.37
C GLY B 88 -6.09 -11.58 -12.90
N TYR B 89 -6.94 -12.10 -12.02
CA TYR B 89 -6.57 -12.20 -10.60
C TYR B 89 -6.16 -13.63 -10.25
N LYS B 90 -4.90 -13.82 -9.88
CA LYS B 90 -4.38 -15.15 -9.55
C LYS B 90 -4.76 -15.58 -8.15
N ASN B 91 -4.93 -14.60 -7.26
CA ASN B 91 -5.24 -14.85 -5.85
C ASN B 91 -5.97 -13.66 -5.24
N LEU B 92 -6.45 -13.81 -4.01
CA LEU B 92 -7.18 -12.73 -3.34
C LEU B 92 -6.31 -11.49 -3.12
N HIS B 93 -5.02 -11.69 -2.84
CA HIS B 93 -4.13 -10.55 -2.58
C HIS B 93 -4.08 -9.57 -3.76
N GLU B 94 -3.99 -10.09 -4.98
CA GLU B 94 -3.97 -9.26 -6.17
C GLU B 94 -5.25 -8.42 -6.29
N PHE B 95 -6.39 -9.02 -5.94
CA PHE B 95 -7.67 -8.32 -5.91
C PHE B 95 -7.63 -7.22 -4.84
N GLU B 96 -7.18 -7.58 -3.64
CA GLU B 96 -7.05 -6.63 -2.54
CA GLU B 96 -7.05 -6.63 -2.54
C GLU B 96 -6.19 -5.43 -2.90
N GLU B 97 -5.10 -5.69 -3.61
CA GLU B 97 -4.22 -4.58 -4.01
C GLU B 97 -4.91 -3.58 -4.93
N ASP B 98 -5.76 -4.07 -5.84
CA ASP B 98 -6.50 -3.14 -6.71
C ASP B 98 -7.56 -2.36 -5.92
N PHE B 99 -8.22 -3.01 -4.96
CA PHE B 99 -9.18 -2.28 -4.12
C PHE B 99 -8.48 -1.18 -3.34
N ASP B 100 -7.33 -1.52 -2.77
CA ASP B 100 -6.55 -0.51 -2.03
C ASP B 100 -6.12 0.67 -2.92
N LEU B 101 -5.86 0.40 -4.20
CA LEU B 101 -5.55 1.48 -5.14
C LEU B 101 -6.71 2.46 -5.24
N ILE B 102 -7.91 1.94 -5.37
CA ILE B 102 -9.11 2.78 -5.46
C ILE B 102 -9.20 3.71 -4.24
N ILE B 103 -9.07 3.13 -3.06
CA ILE B 103 -9.16 3.86 -1.80
C ILE B 103 -8.00 4.85 -1.66
N ASP B 104 -6.79 4.37 -1.87
CA ASP B 104 -5.61 5.22 -1.66
C ASP B 104 -5.54 6.38 -2.65
N ASN B 105 -5.91 6.13 -3.91
CA ASN B 105 -5.90 7.19 -4.92
C ASN B 105 -6.85 8.30 -4.53
N CYS B 106 -8.00 7.90 -4.02
CA CYS B 106 -9.02 8.86 -3.62
C CYS B 106 -8.57 9.66 -2.38
N MET B 107 -7.94 9.00 -1.42
CA MET B 107 -7.49 9.71 -0.22
C MET B 107 -6.29 10.59 -0.54
N LYS B 108 -5.51 10.23 -1.56
CA LYS B 108 -4.38 11.05 -1.98
CA LYS B 108 -4.38 11.06 -1.99
C LYS B 108 -4.82 12.27 -2.78
N TYR B 109 -5.75 12.06 -3.71
CA TYR B 109 -6.18 13.16 -4.57
C TYR B 109 -7.06 14.19 -3.85
N ASN B 110 -7.92 13.73 -2.94
CA ASN B 110 -8.87 14.63 -2.28
C ASN B 110 -8.44 15.05 -0.88
N ALA B 111 -8.75 16.29 -0.51
CA ALA B 111 -8.51 16.79 0.84
C ALA B 111 -9.35 16.03 1.85
N ARG B 112 -8.87 15.88 3.08
CA ARG B 112 -9.61 15.01 4.00
C ARG B 112 -10.98 15.56 4.36
N ASP B 113 -11.13 16.88 4.40
CA ASP B 113 -12.43 17.46 4.70
C ASP B 113 -13.25 17.60 3.41
N THR B 114 -13.52 16.49 2.74
CA THR B 114 -14.34 16.49 1.52
C THR B 114 -15.26 15.27 1.48
N VAL B 115 -16.30 15.32 0.66
CA VAL B 115 -17.26 14.23 0.59
C VAL B 115 -16.61 12.99 -0.04
N PHE B 116 -15.82 13.19 -1.09
CA PHE B 116 -15.22 12.03 -1.75
C PHE B 116 -14.18 11.36 -0.85
N TYR B 117 -13.40 12.13 -0.10
CA TYR B 117 -12.42 11.53 0.82
C TYR B 117 -13.15 10.73 1.88
N ARG B 118 -14.22 11.31 2.44
CA ARG B 118 -14.94 10.58 3.47
C ARG B 118 -15.59 9.32 2.88
N ALA B 119 -15.98 9.36 1.61
CA ALA B 119 -16.54 8.17 0.97
C ALA B 119 -15.49 7.05 0.88
N ALA B 120 -14.24 7.44 0.57
CA ALA B 120 -13.14 6.45 0.52
C ALA B 120 -12.90 5.83 1.88
N VAL B 121 -12.90 6.65 2.92
CA VAL B 121 -12.71 6.15 4.28
C VAL B 121 -13.85 5.20 4.66
N ARG B 122 -15.08 5.57 4.30
CA ARG B 122 -16.24 4.74 4.56
C ARG B 122 -16.09 3.40 3.86
N LEU B 123 -15.78 3.43 2.57
CA LEU B 123 -15.68 2.20 1.80
C LEU B 123 -14.47 1.38 2.26
N ARG B 124 -13.41 2.05 2.69
CA ARG B 124 -12.24 1.31 3.21
C ARG B 124 -12.61 0.46 4.42
N ASP B 125 -13.35 1.05 5.38
N ASP B 125 -13.38 1.04 5.34
CA ASP B 125 -13.79 0.33 6.57
CA ASP B 125 -13.69 0.33 6.57
C ASP B 125 -14.66 -0.83 6.20
C ASP B 125 -14.77 -0.75 6.35
N GLN B 126 -15.69 -0.53 5.41
CA GLN B 126 -16.68 -1.55 5.06
C GLN B 126 -15.99 -2.64 4.26
N GLY B 127 -15.07 -2.24 3.40
CA GLY B 127 -14.40 -3.18 2.51
C GLY B 127 -13.43 -4.06 3.27
N GLY B 128 -12.78 -3.49 4.27
CA GLY B 128 -11.90 -4.26 5.12
C GLY B 128 -12.60 -5.47 5.71
N VAL B 129 -13.83 -5.27 6.17
CA VAL B 129 -14.58 -6.36 6.77
C VAL B 129 -14.91 -7.42 5.73
N VAL B 130 -15.39 -6.99 4.58
CA VAL B 130 -15.71 -7.90 3.49
C VAL B 130 -14.47 -8.72 3.12
N LEU B 131 -13.33 -8.06 3.02
CA LEU B 131 -12.08 -8.73 2.59
C LEU B 131 -11.52 -9.67 3.66
N ARG B 132 -11.67 -9.31 4.93
CA ARG B 132 -11.22 -10.21 6.00
C ARG B 132 -12.08 -11.49 6.00
N GLN B 133 -13.36 -11.34 5.67
CA GLN B 133 -14.25 -12.49 5.57
C GLN B 133 -13.90 -13.31 4.32
N ALA B 134 -13.53 -12.63 3.25
CA ALA B 134 -13.09 -13.33 2.04
C ALA B 134 -11.82 -14.14 2.30
N ARG B 135 -10.94 -13.64 3.15
CA ARG B 135 -9.71 -14.37 3.48
C ARG B 135 -10.08 -15.65 4.25
N ARG B 136 -11.01 -15.54 5.19
CA ARG B 136 -11.50 -16.71 5.91
C ARG B 136 -12.08 -17.75 4.95
N GLU B 137 -12.79 -17.28 3.93
CA GLU B 137 -13.37 -18.19 2.93
C GLU B 137 -12.31 -18.86 2.06
N VAL B 138 -11.28 -18.10 1.68
CA VAL B 138 -10.15 -18.68 0.95
C VAL B 138 -9.54 -19.84 1.74
N ASP B 139 -9.32 -19.63 3.04
CA ASP B 139 -8.77 -20.69 3.87
C ASP B 139 -9.73 -21.88 4.03
N SER B 140 -11.02 -21.61 4.22
CA SER B 140 -12.01 -22.66 4.43
C SER B 140 -12.23 -23.50 3.15
N ILE B 141 -12.26 -22.83 2.01
CA ILE B 141 -12.52 -23.52 0.75
C ILE B 141 -11.28 -24.24 0.24
N GLY B 142 -10.10 -23.74 0.65
CA GLY B 142 -8.82 -24.32 0.25
C GLY B 142 -8.25 -23.79 -1.06
N LEU B 143 -8.45 -22.50 -1.31
CA LEU B 143 -8.11 -21.93 -2.61
C LEU B 143 -6.62 -21.68 -2.81
N GLU B 144 -5.84 -21.66 -1.74
CA GLU B 144 -4.40 -21.43 -1.86
C GLU B 144 -3.56 -22.65 -1.44
#